data_4CN2
#
_entry.id   4CN2
#
_cell.length_a   113.234
_cell.length_b   43.952
_cell.length_c   63.316
_cell.angle_alpha   90.00
_cell.angle_beta   106.02
_cell.angle_gamma   90.00
#
_symmetry.space_group_name_H-M   'C 1 2 1'
#
loop_
_entity.id
_entity.type
_entity.pdbx_description
1 polymer "5'-D(*TP*GP*AP*GP*TP*TP*CP*AP*AP*GP*GP*GP*TP*DC *AP*AP*TP)-3'"
2 polymer "5'-D(*AP*TP*TP*GP*AP*CP*CP*CP*TP*TP*GP*AP*AP*DC *TP*CP*AP)-3'"
3 polymer 'RETINOIC ACID RECEPTOR RXR-ALPHA'
4 non-polymer 'MAGNESIUM ION'
5 non-polymer 'ZINC ION'
6 non-polymer '2-(N-MORPHOLINO)-ETHANESULFONIC ACID'
7 non-polymer 'CHLORIDE ION'
8 water water
#
loop_
_entity_poly.entity_id
_entity_poly.type
_entity_poly.pdbx_seq_one_letter_code
_entity_poly.pdbx_strand_id
1 'polydeoxyribonucleotide' (DT)(DG)(DA)(DG)(DT)(DT)(DC)(DA)(DA)(DG)(DG)(DG)(DT)(DC)(DA)(DA)(DT) A
2 'polydeoxyribonucleotide' (DA)(DT)(DT)(DG)(DA)(DC)(DC)(DC)(DT)(DT)(DG)(DA)(DA)(DC)(DT)(DC)(DA) B
3 'polypeptide(L)'
;GSHMFTKHICAICGDRSSGKHYGVYSCEGCKGFFKRTVRKDLTYTCRDNKDCLIDKRQRNRCQYCRYQKCLAMGMKREAV
QEERQRG
;
C,D
#
# COMPACT_ATOMS: atom_id res chain seq x y z
N MET C 4 13.28 -14.07 -16.82
CA MET C 4 13.26 -12.85 -16.04
C MET C 4 13.13 -13.19 -14.55
N PHE C 5 11.90 -13.37 -14.09
CA PHE C 5 11.62 -13.77 -12.70
C PHE C 5 11.17 -15.21 -12.63
N THR C 6 11.86 -16.10 -13.35
CA THR C 6 11.35 -17.46 -13.56
C THR C 6 11.72 -18.45 -12.47
N LYS C 7 13.01 -18.57 -12.18
CA LYS C 7 13.45 -19.62 -11.27
C LYS C 7 13.78 -19.12 -9.88
N HIS C 8 13.37 -17.90 -9.54
CA HIS C 8 13.74 -17.37 -8.24
C HIS C 8 12.59 -16.79 -7.40
N ILE C 9 12.66 -17.08 -6.11
N ILE C 9 12.58 -17.13 -6.12
CA ILE C 9 11.70 -16.62 -5.12
CA ILE C 9 11.64 -16.49 -5.21
C ILE C 9 12.44 -15.77 -4.09
C ILE C 9 12.40 -15.79 -4.09
N CYS C 10 11.82 -14.71 -3.58
CA CYS C 10 12.48 -13.90 -2.58
C CYS C 10 12.58 -14.71 -1.30
N ALA C 11 13.81 -14.86 -0.78
CA ALA C 11 14.03 -15.64 0.44
C ALA C 11 13.40 -14.95 1.65
N ILE C 12 13.16 -13.65 1.50
CA ILE C 12 12.61 -12.85 2.59
C ILE C 12 11.08 -12.94 2.67
N CYS C 13 10.39 -12.67 1.56
CA CYS C 13 8.94 -12.56 1.60
C CYS C 13 8.18 -13.53 0.66
N GLY C 14 8.91 -14.27 -0.18
CA GLY C 14 8.27 -15.27 -1.03
C GLY C 14 7.77 -14.71 -2.36
N ASP C 15 7.93 -13.41 -2.56
CA ASP C 15 7.54 -12.77 -3.83
C ASP C 15 8.49 -13.25 -4.93
N ARG C 16 8.10 -13.06 -6.20
CA ARG C 16 8.98 -13.39 -7.32
C ARG C 16 10.31 -12.63 -7.28
N SER C 17 11.37 -13.28 -7.77
CA SER C 17 12.71 -12.68 -7.76
C SER C 17 13.40 -12.84 -9.12
N SER C 18 14.12 -11.80 -9.54
CA SER C 18 14.90 -11.89 -10.78
C SER C 18 16.33 -12.34 -10.52
N GLY C 19 16.73 -12.41 -9.26
CA GLY C 19 18.06 -12.84 -8.90
C GLY C 19 18.50 -12.35 -7.52
N LYS C 20 19.79 -12.39 -7.26
CA LYS C 20 20.30 -11.96 -5.97
C LYS C 20 20.41 -10.44 -5.84
N HIS C 21 20.16 -9.94 -4.63
CA HIS C 21 20.46 -8.55 -4.33
C HIS C 21 21.07 -8.51 -2.95
N TYR C 22 22.25 -7.90 -2.84
CA TYR C 22 22.98 -7.80 -1.59
C TYR C 22 23.20 -9.19 -0.98
N GLY C 23 23.37 -10.18 -1.87
CA GLY C 23 23.75 -11.53 -1.46
C GLY C 23 22.63 -12.55 -1.32
N VAL C 24 21.39 -12.17 -1.63
CA VAL C 24 20.26 -13.05 -1.36
C VAL C 24 19.26 -12.99 -2.50
N TYR C 25 18.70 -14.12 -2.90
CA TYR C 25 17.60 -14.09 -3.86
C TYR C 25 16.45 -13.31 -3.22
N SER C 26 16.08 -12.19 -3.82
CA SER C 26 15.11 -11.29 -3.21
C SER C 26 14.32 -10.53 -4.27
N CYS C 27 13.18 -9.98 -3.87
CA CYS C 27 12.32 -9.25 -4.81
C CYS C 27 12.75 -7.80 -4.86
N GLU C 28 12.17 -7.03 -5.78
CA GLU C 28 12.53 -5.61 -5.87
C GLU C 28 12.05 -4.87 -4.61
N GLY C 29 10.97 -5.33 -4.00
CA GLY C 29 10.54 -4.72 -2.77
C GLY C 29 11.61 -4.82 -1.68
N CYS C 30 12.03 -6.04 -1.37
CA CYS C 30 13.01 -6.23 -0.29
C CYS C 30 14.38 -5.59 -0.62
N LYS C 31 14.81 -5.65 -1.87
CA LYS C 31 16.01 -4.94 -2.26
C LYS C 31 15.91 -3.43 -1.97
N GLY C 32 14.85 -2.78 -2.45
CA GLY C 32 14.69 -1.35 -2.23
C GLY C 32 14.62 -1.00 -0.76
N PHE C 33 13.87 -1.78 0.00
CA PHE C 33 13.71 -1.58 1.44
C PHE C 33 15.06 -1.64 2.17
N PHE C 34 15.86 -2.64 1.83
CA PHE C 34 17.13 -2.85 2.51
C PHE C 34 18.08 -1.70 2.15
N LYS C 35 18.15 -1.37 0.87
CA LYS C 35 18.97 -0.25 0.42
C LYS C 35 18.61 1.04 1.18
N ARG C 36 17.32 1.40 1.22
CA ARG C 36 16.87 2.61 1.87
C ARG C 36 17.22 2.60 3.35
N THR C 37 17.00 1.46 3.99
CA THR C 37 17.33 1.32 5.41
C THR C 37 18.81 1.55 5.67
N VAL C 38 19.67 0.93 4.86
CA VAL C 38 21.11 1.06 5.06
C VAL C 38 21.60 2.47 4.73
N ARG C 39 21.15 3.02 3.60
CA ARG C 39 21.60 4.33 3.18
C ARG C 39 21.24 5.44 4.18
N LYS C 40 20.02 5.43 4.68
CA LYS C 40 19.55 6.44 5.60
C LYS C 40 19.85 6.05 7.03
N ASP C 41 20.47 4.89 7.22
CA ASP C 41 20.80 4.40 8.55
C ASP C 41 19.58 4.47 9.46
N LEU C 42 18.47 3.92 9.00
CA LEU C 42 17.22 3.98 9.75
C LEU C 42 17.17 2.92 10.85
N THR C 43 16.50 3.26 11.94
CA THR C 43 16.19 2.34 13.02
C THR C 43 14.67 2.17 13.09
N TYR C 44 14.23 0.94 13.32
CA TYR C 44 12.79 0.66 13.33
C TYR C 44 12.43 0.07 14.68
N THR C 45 11.13 -0.02 14.95
CA THR C 45 10.65 -0.60 16.21
C THR C 45 9.48 -1.52 15.93
N CYS C 46 9.48 -2.71 16.52
CA CYS C 46 8.33 -3.59 16.38
C CYS C 46 7.38 -3.34 17.54
N ARG C 47 6.12 -3.09 17.25
CA ARG C 47 5.14 -2.83 18.30
C ARG C 47 4.43 -4.10 18.74
N ASP C 48 4.80 -5.23 18.13
CA ASP C 48 4.24 -6.51 18.52
C ASP C 48 5.29 -7.34 19.26
N ASN C 49 5.46 -8.59 18.83
CA ASN C 49 6.29 -9.55 19.52
C ASN C 49 7.62 -9.86 18.81
N LYS C 50 8.03 -8.96 17.93
CA LYS C 50 9.28 -9.13 17.19
C LYS C 50 9.37 -10.46 16.45
N ASP C 51 8.23 -10.95 15.96
CA ASP C 51 8.20 -12.15 15.12
C ASP C 51 7.04 -12.08 14.12
N CYS C 52 6.82 -10.91 13.54
CA CYS C 52 5.74 -10.71 12.60
C CYS C 52 5.95 -11.56 11.32
N LEU C 53 4.87 -12.07 10.75
CA LEU C 53 4.98 -12.85 9.50
C LEU C 53 5.39 -11.94 8.35
N ILE C 54 6.44 -12.34 7.63
CA ILE C 54 6.84 -11.57 6.45
C ILE C 54 6.49 -12.37 5.21
N ASP C 55 5.38 -12.02 4.57
CA ASP C 55 5.06 -12.54 3.25
C ASP C 55 4.65 -11.36 2.37
N LYS C 56 4.19 -11.62 1.15
CA LYS C 56 3.92 -10.50 0.25
C LYS C 56 2.86 -9.54 0.83
N ARG C 57 1.77 -10.07 1.36
CA ARG C 57 0.74 -9.18 1.86
C ARG C 57 1.18 -8.37 3.08
N GLN C 58 1.99 -8.96 3.96
CA GLN C 58 2.25 -8.40 5.28
C GLN C 58 3.60 -7.71 5.40
N ARG C 59 4.44 -7.81 4.37
CA ARG C 59 5.83 -7.43 4.57
C ARG C 59 6.03 -5.97 4.97
N ASN C 60 5.07 -5.11 4.63
CA ASN C 60 5.16 -3.71 5.01
C ASN C 60 4.52 -3.40 6.36
N ARG C 61 3.91 -4.38 7.00
CA ARG C 61 3.29 -4.09 8.29
C ARG C 61 4.30 -3.66 9.35
N CYS C 62 5.47 -4.32 9.37
CA CYS C 62 6.44 -4.10 10.43
C CYS C 62 7.82 -4.02 9.84
N GLN C 63 8.35 -2.80 9.78
CA GLN C 63 9.65 -2.58 9.16
C GLN C 63 10.76 -3.24 9.97
N TYR C 64 10.64 -3.18 11.29
CA TYR C 64 11.62 -3.86 12.14
C TYR C 64 11.77 -5.33 11.76
N CYS C 65 10.66 -6.06 11.71
CA CYS C 65 10.71 -7.49 11.44
C CYS C 65 11.14 -7.79 9.99
N ARG C 66 10.78 -6.91 9.08
CA ARG C 66 11.15 -7.13 7.70
C ARG C 66 12.67 -7.02 7.60
N TYR C 67 13.23 -6.03 8.29
CA TYR C 67 14.66 -5.81 8.26
C TYR C 67 15.45 -6.95 8.93
N GLN C 68 14.96 -7.47 10.07
CA GLN C 68 15.63 -8.58 10.71
C GLN C 68 15.63 -9.77 9.77
N LYS C 69 14.54 -9.95 9.04
CA LYS C 69 14.50 -11.09 8.14
C LYS C 69 15.47 -10.90 6.97
N CYS C 70 15.58 -9.67 6.44
CA CYS C 70 16.60 -9.40 5.42
C CYS C 70 17.95 -9.86 5.94
N LEU C 71 18.31 -9.45 7.15
CA LEU C 71 19.58 -9.88 7.73
C LEU C 71 19.64 -11.39 7.91
N ALA C 72 18.57 -11.95 8.44
CA ALA C 72 18.57 -13.36 8.81
C ALA C 72 18.76 -14.27 7.58
N MET C 73 18.29 -13.80 6.42
CA MET C 73 18.39 -14.60 5.20
C MET C 73 19.73 -14.35 4.49
N GLY C 74 20.50 -13.38 4.97
CA GLY C 74 21.82 -13.19 4.41
C GLY C 74 22.16 -11.85 3.75
N MET C 75 21.26 -10.87 3.81
CA MET C 75 21.58 -9.61 3.15
C MET C 75 22.78 -8.92 3.78
N LYS C 76 23.69 -8.45 2.93
CA LYS C 76 24.91 -7.78 3.38
C LYS C 76 24.84 -6.25 3.27
N ARG C 77 24.90 -5.55 4.38
CA ARG C 77 24.87 -4.09 4.32
C ARG C 77 26.08 -3.54 3.54
N GLU C 78 27.22 -4.20 3.66
CA GLU C 78 28.40 -3.75 2.90
C GLU C 78 28.19 -3.79 1.38
N ALA C 79 27.18 -4.53 0.91
CA ALA C 79 26.92 -4.62 -0.51
C ALA C 79 26.17 -3.39 -1.01
N VAL C 80 25.62 -2.62 -0.07
CA VAL C 80 24.91 -1.41 -0.44
C VAL C 80 25.93 -0.30 -0.67
N GLN C 81 26.00 0.21 -1.89
CA GLN C 81 26.97 1.25 -2.23
C GLN C 81 26.49 2.63 -1.81
N GLU C 82 27.37 3.61 -1.92
CA GLU C 82 27.03 4.98 -1.58
C GLU C 82 26.11 5.55 -2.65
N GLU C 83 25.19 6.43 -2.25
CA GLU C 83 24.34 7.14 -3.22
C GLU C 83 25.22 7.79 -4.29
N ARG C 84 24.67 7.94 -5.49
CA ARG C 84 25.44 8.54 -6.59
C ARG C 84 25.09 9.99 -6.85
N GLN C 85 26.11 10.86 -6.80
CA GLN C 85 25.93 12.29 -6.97
C GLN C 85 26.29 12.78 -8.38
N LYS D 7 -3.64 17.16 -12.38
CA LYS D 7 -4.38 18.25 -13.00
C LYS D 7 -5.76 17.78 -13.46
N HIS D 8 -6.13 16.56 -13.08
CA HIS D 8 -7.44 16.02 -13.42
C HIS D 8 -8.51 16.43 -12.42
N ILE D 9 -9.73 15.95 -12.64
CA ILE D 9 -10.78 16.13 -11.66
C ILE D 9 -11.17 14.78 -11.08
N CYS D 10 -11.54 14.78 -9.80
CA CYS D 10 -11.97 13.56 -9.16
C CYS D 10 -13.18 13.00 -9.91
N ALA D 11 -13.15 11.72 -10.24
CA ALA D 11 -14.22 11.13 -11.05
C ALA D 11 -15.44 10.90 -10.21
N ILE D 12 -15.26 10.94 -8.89
CA ILE D 12 -16.37 10.66 -7.99
C ILE D 12 -17.14 11.93 -7.64
N CYS D 13 -16.44 12.96 -7.18
CA CYS D 13 -17.13 14.15 -6.69
C CYS D 13 -16.90 15.41 -7.53
N GLY D 14 -16.04 15.32 -8.54
CA GLY D 14 -15.72 16.48 -9.37
C GLY D 14 -14.77 17.48 -8.72
N ASP D 15 -14.26 17.16 -7.53
CA ASP D 15 -13.24 17.99 -6.89
C ASP D 15 -11.93 17.89 -7.70
N ARG D 16 -10.88 18.55 -7.23
CA ARG D 16 -9.60 18.51 -7.93
C ARG D 16 -8.79 17.28 -7.55
N SER D 17 -8.23 16.61 -8.56
CA SER D 17 -7.54 15.33 -8.37
C SER D 17 -6.03 15.46 -8.23
N SER D 18 -5.45 14.60 -7.40
CA SER D 18 -4.00 14.55 -7.21
C SER D 18 -3.36 13.37 -7.95
N GLY D 19 -4.11 12.73 -8.84
CA GLY D 19 -3.63 11.57 -9.57
C GLY D 19 -4.59 10.40 -9.45
N LYS D 20 -4.17 9.24 -9.95
CA LYS D 20 -4.96 8.02 -9.82
C LYS D 20 -4.80 7.39 -8.44
N HIS D 21 -5.92 6.94 -7.87
CA HIS D 21 -5.91 6.23 -6.61
C HIS D 21 -6.82 5.02 -6.72
N TYR D 22 -6.28 3.84 -6.45
CA TYR D 22 -7.06 2.61 -6.56
C TYR D 22 -7.69 2.46 -7.95
N GLY D 23 -7.01 2.95 -8.97
CA GLY D 23 -7.43 2.75 -10.34
C GLY D 23 -8.22 3.89 -10.99
N VAL D 24 -8.51 4.94 -10.23
CA VAL D 24 -9.39 6.00 -10.68
C VAL D 24 -8.82 7.38 -10.34
N TYR D 25 -9.05 8.36 -11.21
CA TYR D 25 -8.67 9.73 -10.89
C TYR D 25 -9.60 10.24 -9.80
N SER D 26 -9.00 10.70 -8.70
CA SER D 26 -9.79 11.06 -7.55
C SER D 26 -9.03 11.98 -6.60
N CYS D 27 -9.80 12.66 -5.76
CA CYS D 27 -9.22 13.61 -4.81
C CYS D 27 -8.73 12.88 -3.55
N GLU D 28 -8.02 13.60 -2.70
CA GLU D 28 -7.58 13.06 -1.42
C GLU D 28 -8.77 12.65 -0.55
N GLY D 29 -9.90 13.34 -0.69
CA GLY D 29 -11.07 13.00 0.10
C GLY D 29 -11.59 11.62 -0.29
N CYS D 30 -11.94 11.46 -1.54
CA CYS D 30 -12.51 10.20 -2.01
C CYS D 30 -11.52 9.04 -1.82
N LYS D 31 -10.23 9.30 -2.04
CA LYS D 31 -9.21 8.29 -1.74
C LYS D 31 -9.22 7.81 -0.28
N GLY D 32 -9.17 8.74 0.66
CA GLY D 32 -9.14 8.37 2.07
C GLY D 32 -10.43 7.70 2.49
N PHE D 33 -11.55 8.21 1.97
CA PHE D 33 -12.86 7.59 2.22
C PHE D 33 -12.93 6.12 1.77
N PHE D 34 -12.47 5.85 0.56
CA PHE D 34 -12.51 4.49 0.03
C PHE D 34 -11.63 3.60 0.89
N LYS D 35 -10.42 4.06 1.14
CA LYS D 35 -9.45 3.30 1.92
C LYS D 35 -10.04 2.92 3.28
N ARG D 36 -10.55 3.91 4.00
CA ARG D 36 -11.15 3.66 5.32
C ARG D 36 -12.32 2.68 5.23
N THR D 37 -13.17 2.85 4.23
CA THR D 37 -14.31 1.96 4.10
C THR D 37 -13.87 0.51 3.92
N VAL D 38 -12.92 0.31 3.02
CA VAL D 38 -12.41 -1.02 2.72
C VAL D 38 -11.65 -1.64 3.90
N ARG D 39 -10.80 -0.85 4.55
CA ARG D 39 -10.01 -1.32 5.69
C ARG D 39 -10.89 -1.84 6.84
N LYS D 40 -11.91 -1.07 7.19
CA LYS D 40 -12.78 -1.44 8.31
C LYS D 40 -13.96 -2.30 7.84
N ASP D 41 -14.00 -2.58 6.54
CA ASP D 41 -15.10 -3.30 5.92
C ASP D 41 -16.45 -2.77 6.41
N LEU D 42 -16.65 -1.46 6.26
CA LEU D 42 -17.88 -0.81 6.72
C LEU D 42 -18.99 -1.03 5.71
N THR D 43 -20.21 -1.19 6.22
CA THR D 43 -21.39 -1.16 5.37
C THR D 43 -22.23 0.07 5.73
N TYR D 44 -22.61 0.82 4.71
CA TYR D 44 -23.40 2.02 4.90
C TYR D 44 -24.84 1.75 4.50
N THR D 45 -25.76 2.56 5.00
CA THR D 45 -27.15 2.50 4.56
C THR D 45 -27.59 3.87 4.06
N CYS D 46 -28.23 3.91 2.90
CA CYS D 46 -28.77 5.15 2.38
C CYS D 46 -30.10 5.52 3.06
N ARG D 47 -30.28 6.81 3.38
CA ARG D 47 -31.52 7.30 4.00
C ARG D 47 -32.71 7.40 3.06
N ASP D 48 -32.45 7.59 1.76
CA ASP D 48 -33.55 7.73 0.79
C ASP D 48 -33.60 6.70 -0.35
N ASN D 49 -33.25 7.13 -1.56
CA ASN D 49 -33.49 6.31 -2.74
C ASN D 49 -32.23 5.79 -3.44
N LYS D 50 -31.08 5.91 -2.78
CA LYS D 50 -29.80 5.44 -3.34
C LYS D 50 -29.39 6.20 -4.59
N ASP D 51 -29.83 7.46 -4.69
CA ASP D 51 -29.54 8.31 -5.85
C ASP D 51 -28.99 9.67 -5.42
N CYS D 52 -28.39 9.72 -4.23
CA CYS D 52 -27.93 11.00 -3.69
C CYS D 52 -26.88 11.66 -4.59
N LEU D 53 -27.02 12.96 -4.82
CA LEU D 53 -26.02 13.71 -5.56
C LEU D 53 -24.67 13.65 -4.85
N ILE D 54 -23.63 13.32 -5.60
CA ILE D 54 -22.28 13.32 -5.04
C ILE D 54 -21.42 14.33 -5.76
N ASP D 55 -21.22 15.48 -5.13
CA ASP D 55 -20.29 16.49 -5.64
C ASP D 55 -19.43 17.01 -4.49
N LYS D 56 -18.62 18.02 -4.76
CA LYS D 56 -17.65 18.49 -3.77
C LYS D 56 -18.31 18.89 -2.45
N ARG D 57 -19.48 19.50 -2.51
CA ARG D 57 -20.12 19.99 -1.29
C ARG D 57 -21.03 18.97 -0.62
N GLN D 58 -21.58 18.05 -1.39
CA GLN D 58 -22.53 17.07 -0.87
C GLN D 58 -21.91 15.72 -0.53
N ARG D 59 -20.66 15.52 -0.93
CA ARG D 59 -20.05 14.18 -0.88
C ARG D 59 -20.11 13.48 0.48
N ASN D 60 -20.14 14.25 1.57
CA ASN D 60 -20.17 13.66 2.91
C ASN D 60 -21.57 13.44 3.47
N ARG D 61 -22.57 13.83 2.70
CA ARG D 61 -23.96 13.76 3.17
C ARG D 61 -24.54 12.34 3.08
N CYS D 62 -23.96 11.49 2.23
CA CYS D 62 -24.38 10.10 2.17
C CYS D 62 -23.24 9.16 1.84
N GLN D 63 -22.75 8.48 2.88
CA GLN D 63 -21.62 7.58 2.72
C GLN D 63 -21.97 6.41 1.81
N TYR D 64 -23.20 5.91 1.91
CA TYR D 64 -23.59 4.79 1.05
C TYR D 64 -23.45 5.15 -0.42
N CYS D 65 -24.03 6.29 -0.80
CA CYS D 65 -23.99 6.72 -2.19
C CYS D 65 -22.58 7.12 -2.62
N ARG D 66 -21.77 7.61 -1.69
CA ARG D 66 -20.40 7.95 -2.05
C ARG D 66 -19.64 6.68 -2.40
N TYR D 67 -19.80 5.67 -1.57
CA TYR D 67 -19.13 4.39 -1.80
C TYR D 67 -19.56 3.76 -3.13
N GLN D 68 -20.86 3.70 -3.39
N GLN D 68 -20.87 3.70 -3.34
CA GLN D 68 -21.36 3.10 -4.62
CA GLN D 68 -21.49 3.21 -4.57
C GLN D 68 -20.84 3.84 -5.85
C GLN D 68 -20.82 3.83 -5.78
N LYS D 69 -20.65 5.15 -5.73
CA LYS D 69 -20.03 5.91 -6.83
C LYS D 69 -18.54 5.59 -6.99
N CYS D 70 -17.85 5.41 -5.87
CA CYS D 70 -16.45 4.94 -5.95
C CYS D 70 -16.35 3.67 -6.79
N LEU D 71 -17.17 2.68 -6.45
CA LEU D 71 -17.16 1.42 -7.19
C LEU D 71 -17.53 1.62 -8.66
N ALA D 72 -18.59 2.39 -8.89
CA ALA D 72 -19.11 2.55 -10.24
C ALA D 72 -18.12 3.28 -11.13
N MET D 73 -17.18 4.02 -10.54
CA MET D 73 -16.21 4.75 -11.35
CA MET D 73 -16.20 4.75 -11.35
C MET D 73 -14.94 3.92 -11.57
N GLY D 74 -14.86 2.76 -10.93
CA GLY D 74 -13.73 1.88 -11.14
C GLY D 74 -12.79 1.60 -9.97
N MET D 75 -13.01 2.21 -8.80
CA MET D 75 -12.07 1.99 -7.69
C MET D 75 -12.01 0.51 -7.31
N LYS D 76 -10.78 0.03 -7.05
CA LYS D 76 -10.51 -1.39 -6.78
C LYS D 76 -10.28 -1.67 -5.30
N ARG D 77 -11.17 -2.44 -4.67
CA ARG D 77 -10.96 -2.86 -3.29
C ARG D 77 -9.61 -3.55 -3.12
N GLU D 78 -9.17 -4.30 -4.13
CA GLU D 78 -7.94 -5.08 -4.01
C GLU D 78 -6.65 -4.24 -4.00
N ALA D 79 -6.76 -2.97 -4.34
CA ALA D 79 -5.59 -2.09 -4.33
C ALA D 79 -5.38 -1.45 -2.95
N VAL D 80 -6.34 -1.61 -2.06
CA VAL D 80 -6.19 -1.15 -0.69
C VAL D 80 -5.40 -2.22 0.06
N GLN D 81 -4.28 -1.81 0.65
CA GLN D 81 -3.35 -2.76 1.26
C GLN D 81 -3.66 -2.98 2.72
N GLU D 82 -2.96 -3.95 3.30
CA GLU D 82 -2.98 -4.17 4.74
C GLU D 82 -2.49 -2.93 5.48
N GLU D 83 -3.13 -2.62 6.59
CA GLU D 83 -2.74 -1.49 7.42
C GLU D 83 -1.28 -1.67 7.88
N ARG D 84 -0.54 -0.57 7.94
CA ARG D 84 0.86 -0.60 8.36
C ARG D 84 0.98 -0.13 9.81
N GLN D 85 2.15 -0.29 10.41
CA GLN D 85 2.31 0.07 11.83
C GLN D 85 2.18 1.57 12.10
N ARG D 86 1.77 1.91 13.32
CA ARG D 86 1.50 3.28 13.71
C ARG D 86 2.75 4.15 13.67
N GLY D 87 2.80 5.06 12.69
CA GLY D 87 3.93 5.96 12.54
C GLY D 87 4.32 6.14 11.09
#